data_9US5
#
_entry.id   9US5
#
_cell.length_a   163.084
_cell.length_b   163.084
_cell.length_c   139.376
_cell.angle_alpha   90.000
_cell.angle_beta   90.000
_cell.angle_gamma   90.000
#
_symmetry.space_group_name_H-M   'I 4 2 2'
#
loop_
_entity.id
_entity.type
_entity.pdbx_description
1 polymer 'Maltohexaose-producing amylase'
2 branched alpha-D-glucopyranose-(1-4)-alpha-D-glucopyranose-(1-4)-alpha-D-glucopyranose-(1-4)-alpha-D-glucopyranose
3 non-polymer 'CALCIUM ION'
4 water water
#
_entity_poly.entity_id   1
_entity_poly.type   'polypeptide(L)'
_entity_poly.pdbx_seq_one_letter_code
;QCPKWDGKPLTIDVSKTFAEGSKVRDFYSGNVATVSGGKITLQPAFGSNGLLLLERAETAAPAPFDWHNATVYFVLTDRF
VNGNPANDNSYGRHKDGMQEIGTFHGGDLQGLTSKLDYLQQMGVNALWISSPLEQIHGWVGGGTKGDFPHYAYHGYYTQD
WSKLDANMGTEADLRRLVDEAHKRGIRILFDVVMNHAGYATLADMQEFQFGSLYLQGDELKKTLGERWTDWKPGAGQTWH
SFNDYINFSDKAGWEKWWGKKWIRIDIGDYDNPGYDDLTMSLAFLPDLKTESKEISGLPNFYSHKPDTAAKAIPGYTPRD
YLTHWLSQWVRDYGIDGFRVDTAKHVEMDAWQQLKTQATAALAEWKKANPDKALDAAPFWMTGEAWGHGVMQSDYYRHGF
DAMINFDYQDQAAKAATCMANIDLTWQQMADKLQSFNVLSYLSSHDTRLFREGGATAAELLLLAPGAVQIFYGDESSRPF
GPTGSDPLQGTRSEMNWQDVNGKAARSVTHWQKIGQFRARHPAIGMGKQTTLSMSRGYGFVRESGEDKVMVIWAGQQQLE
HHHHHH
;
_entity_poly.pdbx_strand_id   A
#
# COMPACT_ATOMS: atom_id res chain seq x y z
N GLN A 1 -28.69 12.60 16.35
CA GLN A 1 -27.33 13.01 15.84
C GLN A 1 -27.14 12.58 14.38
N CYS A 2 -28.17 12.05 13.70
CA CYS A 2 -28.07 11.47 12.32
C CYS A 2 -29.46 11.28 11.69
N PRO A 3 -29.63 11.62 10.39
CA PRO A 3 -30.87 11.34 9.67
C PRO A 3 -31.44 9.94 9.94
N LYS A 4 -32.76 9.86 10.16
CA LYS A 4 -33.49 8.62 10.56
C LYS A 4 -34.25 8.07 9.35
N TRP A 5 -34.69 6.80 9.44
CA TRP A 5 -35.41 6.05 8.38
C TRP A 5 -36.49 5.17 9.02
N ASP A 6 -37.73 5.26 8.54
CA ASP A 6 -38.89 4.45 9.02
C ASP A 6 -38.70 2.97 8.64
N GLY A 7 -37.98 2.69 7.55
CA GLY A 7 -37.73 1.33 7.04
C GLY A 7 -38.58 1.01 5.81
N LYS A 8 -39.54 1.89 5.50
CA LYS A 8 -40.49 1.75 4.37
C LYS A 8 -39.79 2.15 3.09
N PRO A 9 -40.34 1.85 1.89
CA PRO A 9 -39.74 2.30 0.63
C PRO A 9 -39.52 3.81 0.56
N LEU A 10 -38.65 4.25 -0.36
CA LEU A 10 -38.39 5.68 -0.68
C LEU A 10 -38.94 5.98 -2.07
N THR A 11 -39.63 7.13 -2.22
CA THR A 11 -39.99 7.73 -3.53
C THR A 11 -39.02 8.88 -3.79
N ILE A 12 -38.10 8.70 -4.74
CA ILE A 12 -36.98 9.64 -5.01
C ILE A 12 -37.38 10.56 -6.17
N ASP A 13 -37.09 11.85 -6.04
CA ASP A 13 -37.18 12.85 -7.15
C ASP A 13 -35.92 12.73 -8.02
N VAL A 14 -36.05 12.10 -9.20
CA VAL A 14 -34.92 11.89 -10.16
C VAL A 14 -35.08 12.85 -11.36
N SER A 15 -36.08 13.74 -11.30
CA SER A 15 -36.52 14.65 -12.40
C SER A 15 -35.32 15.21 -13.19
N LYS A 16 -34.38 15.85 -12.50
CA LYS A 16 -33.24 16.59 -13.13
C LYS A 16 -32.14 15.62 -13.59
N THR A 17 -32.07 14.42 -13.00
CA THR A 17 -30.93 13.47 -13.15
C THR A 17 -31.22 12.46 -14.26
N PHE A 18 -32.23 11.60 -14.08
CA PHE A 18 -32.61 10.52 -15.02
C PHE A 18 -33.78 10.98 -15.90
N ALA A 19 -33.85 10.43 -17.12
CA ALA A 19 -34.81 10.80 -18.18
C ALA A 19 -36.20 10.21 -17.88
N GLU A 20 -37.24 10.81 -18.46
CA GLU A 20 -38.66 10.39 -18.31
C GLU A 20 -38.87 9.08 -19.08
N GLY A 21 -39.33 8.03 -18.39
CA GLY A 21 -39.66 6.72 -18.99
C GLY A 21 -38.45 5.81 -19.14
N SER A 22 -37.25 6.32 -18.82
CA SER A 22 -35.99 5.53 -18.77
C SER A 22 -36.01 4.63 -17.55
N LYS A 23 -35.36 3.47 -17.64
CA LYS A 23 -35.24 2.49 -16.52
C LYS A 23 -34.00 2.82 -15.69
N VAL A 24 -34.14 2.80 -14.36
CA VAL A 24 -33.07 3.05 -13.35
C VAL A 24 -32.90 1.77 -12.53
N ARG A 25 -31.66 1.34 -12.30
CA ARG A 25 -31.33 0.18 -11.43
C ARG A 25 -30.75 0.68 -10.11
N ASP A 26 -31.26 0.16 -8.99
CA ASP A 26 -30.52 0.08 -7.71
C ASP A 26 -29.56 -1.09 -7.82
N PHE A 27 -28.28 -0.82 -8.11
CA PHE A 27 -27.24 -1.84 -8.38
C PHE A 27 -27.09 -2.78 -7.17
N TYR A 28 -27.34 -2.27 -5.96
CA TYR A 28 -27.15 -3.02 -4.69
C TYR A 28 -28.14 -4.19 -4.62
N SER A 29 -29.40 -3.97 -5.03
CA SER A 29 -30.51 -4.94 -4.91
C SER A 29 -30.72 -5.72 -6.22
N GLY A 30 -30.51 -5.07 -7.38
CA GLY A 30 -30.88 -5.59 -8.70
C GLY A 30 -32.22 -5.05 -9.16
N ASN A 31 -32.98 -4.42 -8.26
CA ASN A 31 -34.33 -3.84 -8.52
C ASN A 31 -34.22 -2.76 -9.61
N VAL A 32 -35.12 -2.82 -10.60
CA VAL A 32 -35.23 -1.84 -11.72
C VAL A 32 -36.58 -1.13 -11.58
N ALA A 33 -36.60 0.20 -11.76
CA ALA A 33 -37.82 1.05 -11.76
C ALA A 33 -37.81 1.93 -13.01
N THR A 34 -39.00 2.18 -13.59
CA THR A 34 -39.21 3.15 -14.70
C THR A 34 -39.57 4.51 -14.10
N VAL A 35 -39.04 5.59 -14.68
CA VAL A 35 -39.34 6.99 -14.26
C VAL A 35 -40.69 7.39 -14.87
N SER A 36 -41.59 7.96 -14.05
CA SER A 36 -42.86 8.60 -14.47
C SER A 36 -43.16 9.77 -13.51
N GLY A 37 -43.36 10.97 -14.08
CA GLY A 37 -43.47 12.23 -13.33
C GLY A 37 -42.18 12.59 -12.64
N GLY A 38 -41.04 12.26 -13.27
CA GLY A 38 -39.68 12.45 -12.74
C GLY A 38 -39.50 11.85 -11.35
N LYS A 39 -40.03 10.64 -11.14
CA LYS A 39 -40.08 9.97 -9.81
C LYS A 39 -40.01 8.44 -9.96
N ILE A 40 -39.40 7.79 -8.97
CA ILE A 40 -39.31 6.30 -8.83
C ILE A 40 -39.47 5.95 -7.34
N THR A 41 -39.88 4.72 -7.05
CA THR A 41 -40.06 4.22 -5.66
C THR A 41 -39.33 2.88 -5.53
N LEU A 42 -38.43 2.76 -4.54
CA LEU A 42 -37.59 1.55 -4.33
C LEU A 42 -37.35 1.33 -2.83
N GLN A 43 -37.37 0.06 -2.41
CA GLN A 43 -37.00 -0.42 -1.05
C GLN A 43 -35.53 -0.84 -1.09
N PRO A 44 -34.66 -0.22 -0.27
CA PRO A 44 -33.31 -0.73 -0.07
C PRO A 44 -33.35 -2.19 0.42
N ALA A 45 -32.70 -3.10 -0.32
CA ALA A 45 -32.57 -4.54 0.03
C ALA A 45 -31.99 -4.66 1.44
N PHE A 46 -32.27 -5.75 2.14
CA PHE A 46 -31.82 -5.96 3.56
C PHE A 46 -30.29 -6.15 3.54
N GLY A 47 -29.62 -5.65 4.58
CA GLY A 47 -28.15 -5.66 4.71
C GLY A 47 -27.48 -4.50 3.96
N SER A 48 -28.26 -3.52 3.51
CA SER A 48 -27.79 -2.35 2.71
C SER A 48 -27.60 -1.11 3.61
N ASN A 49 -28.15 -1.11 4.84
CA ASN A 49 -28.10 0.04 5.77
C ASN A 49 -28.94 1.20 5.20
N GLY A 50 -29.80 0.91 4.21
CA GLY A 50 -30.68 1.89 3.55
C GLY A 50 -30.03 2.55 2.35
N LEU A 51 -29.10 1.85 1.68
CA LEU A 51 -28.35 2.37 0.50
C LEU A 51 -29.11 2.05 -0.79
N LEU A 52 -29.21 3.03 -1.69
CA LEU A 52 -29.58 2.85 -3.11
C LEU A 52 -28.42 3.34 -3.99
N LEU A 53 -27.91 2.47 -4.87
CA LEU A 53 -26.86 2.79 -5.85
C LEU A 53 -27.52 2.89 -7.23
N LEU A 54 -27.99 4.08 -7.59
CA LEU A 54 -28.89 4.31 -8.76
C LEU A 54 -28.04 4.65 -9.99
N GLU A 55 -28.23 3.88 -11.06
CA GLU A 55 -27.55 4.01 -12.37
C GLU A 55 -28.58 3.87 -13.49
N ARG A 56 -28.28 4.35 -14.69
CA ARG A 56 -29.00 3.97 -15.93
C ARG A 56 -29.00 2.44 -16.00
N ALA A 57 -30.15 1.84 -16.33
CA ALA A 57 -30.32 0.38 -16.47
C ALA A 57 -29.55 -0.13 -17.69
N GLU A 58 -29.11 0.77 -18.59
CA GLU A 58 -28.20 0.45 -19.73
C GLU A 58 -26.94 -0.25 -19.21
N THR A 59 -26.38 0.29 -18.12
CA THR A 59 -25.10 -0.16 -17.47
C THR A 59 -25.07 -1.69 -17.38
N ALA A 60 -24.06 -2.32 -17.99
CA ALA A 60 -23.96 -3.80 -18.14
C ALA A 60 -22.62 -4.33 -17.63
N ALA A 61 -21.53 -3.56 -17.74
CA ALA A 61 -20.14 -3.99 -17.46
C ALA A 61 -19.37 -2.89 -16.72
N PRO A 62 -18.21 -3.21 -16.12
CA PRO A 62 -17.31 -2.18 -15.60
C PRO A 62 -16.91 -1.18 -16.69
N ALA A 63 -16.66 0.07 -16.29
CA ALA A 63 -16.22 1.18 -17.17
C ALA A 63 -14.75 1.01 -17.52
N PRO A 64 -14.23 1.72 -18.54
CA PRO A 64 -12.80 1.72 -18.82
C PRO A 64 -12.05 2.35 -17.64
N PHE A 65 -11.02 1.66 -17.14
CA PHE A 65 -10.19 2.04 -15.98
C PHE A 65 -9.69 3.49 -16.12
N ASP A 66 -9.70 4.23 -15.01
CA ASP A 66 -9.05 5.56 -14.85
C ASP A 66 -8.43 5.59 -13.46
N TRP A 67 -7.21 6.12 -13.32
CA TRP A 67 -6.50 6.20 -12.01
C TRP A 67 -7.28 7.11 -11.06
N HIS A 68 -8.02 8.07 -11.60
CA HIS A 68 -8.83 9.06 -10.83
C HIS A 68 -10.07 8.37 -10.24
N ASN A 69 -10.43 7.18 -10.72
CA ASN A 69 -11.55 6.35 -10.16
C ASN A 69 -11.00 5.01 -9.64
N ALA A 70 -9.70 4.89 -9.44
CA ALA A 70 -9.03 3.61 -9.10
C ALA A 70 -9.46 3.14 -7.71
N THR A 71 -9.60 1.83 -7.56
CA THR A 71 -9.76 1.14 -6.25
C THR A 71 -8.48 0.34 -6.00
N VAL A 72 -7.58 0.89 -5.18
CA VAL A 72 -6.27 0.25 -4.83
C VAL A 72 -6.49 -0.62 -3.58
N TYR A 73 -6.05 -1.88 -3.64
CA TYR A 73 -5.97 -2.81 -2.48
C TYR A 73 -4.51 -2.88 -2.04
N PHE A 74 -4.20 -2.31 -0.88
CA PHE A 74 -2.85 -2.30 -0.26
C PHE A 74 -2.73 -3.55 0.61
N VAL A 75 -1.83 -4.46 0.23
CA VAL A 75 -1.60 -5.74 0.96
C VAL A 75 -0.15 -5.78 1.45
N LEU A 76 0.05 -6.08 2.74
CA LEU A 76 1.35 -6.57 3.25
C LEU A 76 1.40 -8.06 2.92
N THR A 77 2.13 -8.41 1.85
CA THR A 77 2.13 -9.76 1.24
C THR A 77 2.40 -10.81 2.31
N ASP A 78 3.28 -10.53 3.27
CA ASP A 78 3.67 -11.50 4.33
C ASP A 78 2.46 -11.85 5.20
N ARG A 79 1.52 -10.91 5.35
CA ARG A 79 0.44 -11.03 6.37
C ARG A 79 -0.88 -11.43 5.69
N PHE A 80 -0.86 -11.77 4.40
CA PHE A 80 -2.08 -12.08 3.59
C PHE A 80 -2.21 -13.61 3.48
N VAL A 81 -1.65 -14.22 2.42
CA VAL A 81 -1.82 -15.67 2.12
C VAL A 81 -0.45 -16.34 1.91
N ASN A 82 -0.23 -17.46 2.61
CA ASN A 82 0.98 -18.32 2.51
C ASN A 82 0.70 -19.44 1.51
N GLY A 83 0.87 -19.15 0.21
CA GLY A 83 0.63 -20.11 -0.88
C GLY A 83 1.63 -21.25 -0.86
N ASN A 84 2.90 -20.92 -0.64
CA ASN A 84 4.07 -21.83 -0.62
C ASN A 84 4.77 -21.74 0.74
N PRO A 85 4.58 -22.73 1.64
CA PRO A 85 5.23 -22.69 2.96
C PRO A 85 6.74 -22.99 3.00
N ALA A 86 7.31 -23.42 1.86
CA ALA A 86 8.73 -23.84 1.74
C ALA A 86 9.67 -22.63 1.86
N ASN A 87 9.20 -21.42 1.55
CA ASN A 87 10.06 -20.19 1.48
C ASN A 87 9.93 -19.35 2.77
N ASP A 88 9.15 -19.80 3.75
CA ASP A 88 8.83 -19.05 4.99
C ASP A 88 10.09 -18.76 5.82
N ASN A 89 11.17 -19.53 5.64
CA ASN A 89 12.39 -19.48 6.51
C ASN A 89 13.64 -19.17 5.69
N SER A 90 13.51 -18.45 4.57
CA SER A 90 14.65 -18.04 3.71
C SER A 90 15.71 -17.33 4.56
N TYR A 91 16.98 -17.51 4.22
CA TYR A 91 18.13 -16.77 4.82
C TYR A 91 18.26 -17.07 6.33
N GLY A 92 17.64 -18.16 6.82
CA GLY A 92 17.70 -18.61 8.21
C GLY A 92 16.75 -17.86 9.13
N ARG A 93 15.72 -17.22 8.58
CA ARG A 93 14.71 -16.45 9.35
C ARG A 93 13.83 -17.43 10.16
N HIS A 94 13.54 -17.07 11.41
CA HIS A 94 12.76 -17.91 12.36
C HIS A 94 11.54 -17.14 12.89
N LYS A 95 10.44 -17.86 13.08
CA LYS A 95 9.28 -17.44 13.90
C LYS A 95 9.78 -17.27 15.34
N ASP A 96 9.16 -16.40 16.14
CA ASP A 96 9.67 -16.02 17.49
C ASP A 96 9.06 -16.96 18.55
N GLY A 97 8.03 -17.73 18.19
CA GLY A 97 7.36 -18.71 19.08
C GLY A 97 6.50 -18.07 20.15
N MET A 98 6.30 -16.75 20.07
CA MET A 98 5.52 -15.94 21.04
C MET A 98 4.23 -15.44 20.34
N GLN A 99 4.21 -14.20 19.83
CA GLN A 99 3.01 -13.61 19.18
C GLN A 99 3.28 -13.24 17.72
N GLU A 100 4.49 -13.49 17.21
CA GLU A 100 4.88 -13.30 15.79
C GLU A 100 4.62 -11.84 15.36
N ILE A 101 4.95 -10.89 16.24
CA ILE A 101 4.63 -9.45 16.06
C ILE A 101 5.39 -8.92 14.84
N GLY A 102 6.70 -9.19 14.76
CA GLY A 102 7.59 -8.63 13.74
C GLY A 102 8.37 -9.69 12.97
N THR A 103 7.84 -10.92 12.86
CA THR A 103 8.47 -12.02 12.10
C THR A 103 7.78 -12.15 10.75
N PHE A 104 8.38 -12.89 9.82
CA PHE A 104 7.73 -13.36 8.57
C PHE A 104 6.73 -14.47 8.96
N HIS A 105 5.44 -14.25 8.71
CA HIS A 105 4.34 -15.23 8.90
C HIS A 105 4.34 -16.23 7.75
N GLY A 106 4.91 -15.87 6.59
CA GLY A 106 5.09 -16.77 5.46
C GLY A 106 4.22 -16.41 4.27
N GLY A 107 3.45 -15.32 4.35
CA GLY A 107 2.64 -14.84 3.21
C GLY A 107 3.54 -14.50 2.04
N ASP A 108 3.10 -14.76 0.81
CA ASP A 108 3.99 -14.73 -0.38
C ASP A 108 3.20 -14.38 -1.63
N LEU A 109 3.90 -14.15 -2.75
CA LEU A 109 3.31 -13.70 -4.04
C LEU A 109 2.39 -14.79 -4.59
N GLN A 110 2.76 -16.06 -4.43
CA GLN A 110 1.96 -17.21 -4.91
C GLN A 110 0.59 -17.19 -4.22
N GLY A 111 0.58 -17.03 -2.89
CA GLY A 111 -0.64 -16.95 -2.07
C GLY A 111 -1.52 -15.78 -2.46
N LEU A 112 -0.91 -14.62 -2.70
CA LEU A 112 -1.59 -13.39 -3.18
C LEU A 112 -2.28 -13.66 -4.52
N THR A 113 -1.60 -14.36 -5.43
CA THR A 113 -2.10 -14.73 -6.79
C THR A 113 -3.37 -15.57 -6.66
N SER A 114 -3.43 -16.45 -5.66
CA SER A 114 -4.57 -17.37 -5.40
C SER A 114 -5.84 -16.61 -5.02
N LYS A 115 -5.74 -15.30 -4.71
CA LYS A 115 -6.87 -14.49 -4.17
C LYS A 115 -7.22 -13.33 -5.12
N LEU A 116 -6.70 -13.32 -6.34
CA LEU A 116 -6.98 -12.23 -7.31
C LEU A 116 -8.48 -12.21 -7.67
N ASP A 117 -9.13 -13.37 -7.72
CA ASP A 117 -10.59 -13.49 -8.00
C ASP A 117 -11.38 -12.80 -6.89
N TYR A 118 -10.99 -13.02 -5.63
CA TYR A 118 -11.56 -12.37 -4.43
C TYR A 118 -11.44 -10.85 -4.55
N LEU A 119 -10.26 -10.36 -4.96
CA LEU A 119 -9.99 -8.91 -5.09
C LEU A 119 -10.84 -8.33 -6.23
N GLN A 120 -10.98 -9.06 -7.34
CA GLN A 120 -11.76 -8.62 -8.53
C GLN A 120 -13.25 -8.51 -8.17
N GLN A 121 -13.74 -9.37 -7.28
CA GLN A 121 -15.16 -9.40 -6.79
C GLN A 121 -15.45 -8.11 -5.99
N MET A 122 -14.40 -7.45 -5.46
CA MET A 122 -14.53 -6.17 -4.71
C MET A 122 -14.36 -4.97 -5.65
N GLY A 123 -14.20 -5.21 -6.95
CA GLY A 123 -13.94 -4.14 -7.95
C GLY A 123 -12.58 -3.51 -7.76
N VAL A 124 -11.65 -4.21 -7.10
CA VAL A 124 -10.21 -3.80 -7.02
C VAL A 124 -9.64 -3.84 -8.43
N ASN A 125 -9.06 -2.74 -8.92
CA ASN A 125 -8.46 -2.64 -10.28
C ASN A 125 -6.99 -2.20 -10.18
N ALA A 126 -6.44 -2.11 -8.97
CA ALA A 126 -5.02 -1.85 -8.71
C ALA A 126 -4.62 -2.52 -7.39
N LEU A 127 -3.55 -3.31 -7.42
CA LEU A 127 -3.02 -4.07 -6.27
C LEU A 127 -1.66 -3.47 -5.91
N TRP A 128 -1.56 -2.86 -4.72
CA TRP A 128 -0.31 -2.26 -4.18
C TRP A 128 0.25 -3.24 -3.15
N ILE A 129 1.44 -3.79 -3.41
CA ILE A 129 2.08 -4.86 -2.58
C ILE A 129 3.30 -4.26 -1.87
N SER A 130 3.64 -4.76 -0.69
CA SER A 130 4.90 -4.43 0.02
C SER A 130 6.04 -4.77 -0.95
N SER A 131 7.18 -4.07 -0.85
CA SER A 131 8.35 -4.32 -1.72
C SER A 131 8.65 -5.81 -1.69
N PRO A 132 8.63 -6.50 -2.86
CA PRO A 132 9.02 -7.90 -2.92
C PRO A 132 10.55 -8.08 -3.06
N LEU A 133 11.32 -6.98 -3.01
CA LEU A 133 12.78 -6.95 -3.24
C LEU A 133 13.53 -7.45 -2.00
N GLU A 134 14.75 -7.94 -2.18
CA GLU A 134 15.52 -8.69 -1.15
C GLU A 134 15.76 -7.74 0.03
N GLN A 135 15.25 -8.12 1.19
CA GLN A 135 15.41 -7.36 2.46
C GLN A 135 16.69 -7.80 3.16
N ILE A 136 17.04 -7.10 4.23
CA ILE A 136 18.01 -7.58 5.26
C ILE A 136 17.55 -8.97 5.69
N HIS A 137 18.47 -9.89 5.92
CA HIS A 137 18.20 -11.34 6.19
C HIS A 137 17.81 -11.53 7.66
N GLY A 138 18.45 -10.78 8.57
CA GLY A 138 18.26 -10.92 10.02
C GLY A 138 17.17 -10.02 10.56
N TRP A 139 17.26 -9.73 11.86
CA TRP A 139 16.23 -9.00 12.66
C TRP A 139 16.92 -7.88 13.44
N VAL A 140 16.12 -6.96 13.98
CA VAL A 140 16.57 -5.96 15.01
C VAL A 140 15.65 -6.08 16.22
N GLY A 141 15.95 -5.30 17.27
CA GLY A 141 15.08 -5.12 18.43
C GLY A 141 13.77 -4.47 18.03
N GLY A 142 12.64 -5.03 18.47
CA GLY A 142 11.29 -4.55 18.17
C GLY A 142 10.76 -3.65 19.27
N GLY A 143 10.30 -2.45 18.90
CA GLY A 143 9.64 -1.50 19.82
C GLY A 143 10.65 -0.82 20.75
N THR A 144 10.13 -0.05 21.71
CA THR A 144 10.93 0.77 22.68
C THR A 144 11.61 -0.16 23.69
N LYS A 145 10.94 -1.23 24.11
CA LYS A 145 11.39 -2.19 25.16
C LYS A 145 12.29 -3.27 24.55
N GLY A 146 12.09 -3.62 23.27
CA GLY A 146 12.81 -4.71 22.59
C GLY A 146 12.22 -6.07 22.94
N ASP A 147 10.89 -6.17 22.95
CA ASP A 147 10.16 -7.34 23.49
C ASP A 147 9.89 -8.38 22.39
N PHE A 148 10.24 -8.09 21.14
CA PHE A 148 10.09 -9.03 20.00
C PHE A 148 11.22 -8.84 18.98
N PRO A 149 11.61 -9.88 18.25
CA PRO A 149 12.56 -9.74 17.15
C PRO A 149 11.88 -9.17 15.89
N HIS A 150 12.39 -8.05 15.36
CA HIS A 150 11.80 -7.33 14.21
C HIS A 150 12.54 -7.69 12.91
N TYR A 151 11.94 -8.55 12.10
CA TYR A 151 12.39 -8.88 10.72
C TYR A 151 11.76 -7.88 9.72
N ALA A 152 12.26 -7.91 8.49
CA ALA A 152 11.85 -7.03 7.37
C ALA A 152 10.63 -7.62 6.63
N TYR A 153 9.60 -8.02 7.38
CA TYR A 153 8.37 -8.67 6.87
C TYR A 153 7.55 -7.69 6.03
N HIS A 154 7.83 -6.39 6.14
CA HIS A 154 7.02 -5.28 5.58
C HIS A 154 7.65 -4.69 4.32
N GLY A 155 8.88 -5.09 3.98
CA GLY A 155 9.56 -4.73 2.71
C GLY A 155 10.25 -3.36 2.75
N TYR A 156 10.44 -2.76 3.92
CA TYR A 156 10.94 -1.36 4.06
C TYR A 156 12.42 -1.35 4.45
N TYR A 157 12.99 -2.51 4.79
CA TYR A 157 14.43 -2.67 5.12
C TYR A 157 15.14 -3.36 3.95
N THR A 158 15.21 -2.69 2.79
CA THR A 158 15.77 -3.25 1.53
C THR A 158 17.29 -3.40 1.68
N GLN A 159 17.82 -4.52 1.20
CA GLN A 159 19.28 -4.82 1.15
C GLN A 159 19.76 -4.78 -0.31
N ASP A 160 19.02 -5.40 -1.23
CA ASP A 160 19.39 -5.52 -2.67
C ASP A 160 18.14 -5.34 -3.54
N TRP A 161 18.08 -4.21 -4.25
CA TRP A 161 16.94 -3.82 -5.12
C TRP A 161 16.96 -4.65 -6.41
N SER A 162 18.06 -5.33 -6.73
CA SER A 162 18.27 -6.06 -8.00
C SER A 162 17.73 -7.50 -7.92
N LYS A 163 17.26 -7.92 -6.75
CA LYS A 163 16.83 -9.32 -6.48
C LYS A 163 15.46 -9.32 -5.81
N LEU A 164 14.66 -10.37 -6.05
CA LEU A 164 13.45 -10.69 -5.23
C LEU A 164 13.88 -11.28 -3.89
N ASP A 165 13.13 -10.97 -2.84
CA ASP A 165 13.28 -11.60 -1.49
C ASP A 165 12.76 -13.04 -1.59
N ALA A 166 13.55 -14.00 -1.12
CA ALA A 166 13.28 -15.45 -1.26
C ALA A 166 11.97 -15.81 -0.55
N ASN A 167 11.61 -15.08 0.51
CA ASN A 167 10.34 -15.25 1.26
C ASN A 167 9.13 -14.93 0.37
N MET A 168 9.30 -14.01 -0.60
CA MET A 168 8.19 -13.51 -1.46
C MET A 168 7.99 -14.48 -2.63
N GLY A 169 9.08 -14.99 -3.19
CA GLY A 169 9.06 -16.03 -4.22
C GLY A 169 10.12 -15.82 -5.28
N THR A 170 9.91 -16.43 -6.44
CA THR A 170 10.85 -16.45 -7.60
C THR A 170 10.35 -15.49 -8.67
N GLU A 171 11.19 -15.25 -9.68
CA GLU A 171 10.84 -14.43 -10.87
C GLU A 171 9.58 -15.01 -11.52
N ALA A 172 9.46 -16.35 -11.51
CA ALA A 172 8.27 -17.09 -12.01
C ALA A 172 7.04 -16.66 -11.22
N ASP A 173 7.12 -16.69 -9.88
CA ASP A 173 6.04 -16.31 -8.94
C ASP A 173 5.56 -14.89 -9.22
N LEU A 174 6.48 -13.93 -9.40
CA LEU A 174 6.16 -12.51 -9.67
C LEU A 174 5.47 -12.37 -11.03
N ARG A 175 5.97 -13.08 -12.06
CA ARG A 175 5.43 -13.01 -13.44
C ARG A 175 3.99 -13.54 -13.46
N ARG A 176 3.71 -14.63 -12.74
CA ARG A 176 2.37 -15.25 -12.65
C ARG A 176 1.41 -14.24 -11.99
N LEU A 177 1.82 -13.65 -10.86
CA LEU A 177 1.03 -12.62 -10.14
C LEU A 177 0.65 -11.48 -11.10
N VAL A 178 1.61 -10.88 -11.79
CA VAL A 178 1.39 -9.71 -12.69
C VAL A 178 0.48 -10.13 -13.86
N ASP A 179 0.70 -11.31 -14.43
CA ASP A 179 -0.03 -11.76 -15.64
C ASP A 179 -1.47 -12.12 -15.26
N GLU A 180 -1.68 -12.83 -14.15
CA GLU A 180 -3.03 -13.22 -13.66
C GLU A 180 -3.80 -11.96 -13.24
N ALA A 181 -3.12 -10.98 -12.63
CA ALA A 181 -3.70 -9.67 -12.25
C ALA A 181 -4.17 -8.93 -13.52
N HIS A 182 -3.30 -8.83 -14.53
CA HIS A 182 -3.56 -8.07 -15.78
C HIS A 182 -4.75 -8.69 -16.53
N LYS A 183 -4.88 -10.03 -16.49
CA LYS A 183 -6.02 -10.78 -17.09
C LYS A 183 -7.32 -10.36 -16.41
N ARG A 184 -7.26 -9.94 -15.13
CA ARG A 184 -8.43 -9.55 -14.31
C ARG A 184 -8.60 -8.03 -14.26
N GLY A 185 -7.89 -7.27 -15.11
CA GLY A 185 -7.95 -5.80 -15.17
C GLY A 185 -7.43 -5.17 -13.88
N ILE A 186 -6.51 -5.84 -13.19
CA ILE A 186 -5.88 -5.35 -11.92
C ILE A 186 -4.45 -4.91 -12.23
N ARG A 187 -4.16 -3.61 -12.07
CA ARG A 187 -2.80 -3.04 -12.22
C ARG A 187 -1.97 -3.48 -11.01
N ILE A 188 -0.65 -3.59 -11.15
CA ILE A 188 0.27 -3.94 -10.05
C ILE A 188 1.06 -2.68 -9.69
N LEU A 189 1.13 -2.38 -8.38
CA LEU A 189 1.95 -1.27 -7.83
C LEU A 189 2.95 -1.87 -6.84
N PHE A 190 4.20 -1.44 -6.92
CA PHE A 190 5.27 -1.77 -5.93
C PHE A 190 5.40 -0.61 -4.95
N ASP A 191 5.40 -0.94 -3.66
CA ASP A 191 6.00 -0.09 -2.61
C ASP A 191 7.49 -0.01 -2.94
N VAL A 192 8.04 1.20 -3.10
CA VAL A 192 9.50 1.39 -3.37
C VAL A 192 10.06 2.37 -2.33
N VAL A 193 11.23 2.04 -1.80
CA VAL A 193 12.06 2.90 -0.91
C VAL A 193 13.33 3.28 -1.68
N MET A 194 13.70 4.56 -1.65
CA MET A 194 15.01 5.04 -2.15
C MET A 194 15.74 5.82 -1.05
N ASN A 195 15.06 6.13 0.04
CA ASN A 195 15.57 7.05 1.11
C ASN A 195 16.64 6.34 1.93
N HIS A 196 16.40 5.10 2.32
CA HIS A 196 17.22 4.33 3.30
C HIS A 196 17.32 2.87 2.90
N ALA A 197 18.38 2.19 3.35
CA ALA A 197 18.51 0.72 3.38
C ALA A 197 18.24 0.24 4.81
N GLY A 198 18.13 -1.07 4.99
CA GLY A 198 17.80 -1.69 6.28
C GLY A 198 18.93 -1.55 7.28
N TYR A 199 18.61 -1.73 8.56
CA TYR A 199 19.58 -1.77 9.68
C TYR A 199 20.63 -2.86 9.42
N ALA A 200 21.77 -2.76 10.09
CA ALA A 200 22.75 -3.86 10.24
C ALA A 200 22.17 -4.92 11.19
N THR A 201 22.06 -6.15 10.70
CA THR A 201 21.64 -7.35 11.49
C THR A 201 22.82 -8.31 11.61
N LEU A 202 22.79 -9.20 12.61
CA LEU A 202 23.84 -10.23 12.84
C LEU A 202 23.90 -11.19 11.64
N ALA A 203 22.75 -11.52 11.04
CA ALA A 203 22.63 -12.47 9.91
C ALA A 203 23.37 -11.92 8.69
N ASP A 204 23.26 -10.61 8.45
CA ASP A 204 23.82 -9.94 7.25
C ASP A 204 25.31 -9.70 7.45
N MET A 205 25.70 -9.31 8.68
CA MET A 205 27.11 -9.08 9.09
C MET A 205 27.92 -10.37 8.88
N GLN A 206 27.38 -11.50 9.32
CA GLN A 206 28.04 -12.83 9.23
C GLN A 206 28.12 -13.27 7.76
N GLU A 207 27.03 -13.13 7.01
CA GLU A 207 26.90 -13.63 5.61
C GLU A 207 27.82 -12.82 4.69
N PHE A 208 27.81 -11.50 4.81
CA PHE A 208 28.46 -10.54 3.87
C PHE A 208 29.70 -9.89 4.52
N GLN A 209 30.11 -10.39 5.68
CA GLN A 209 31.42 -10.10 6.33
C GLN A 209 31.70 -8.59 6.37
N PHE A 210 30.80 -7.83 7.00
CA PHE A 210 30.98 -6.38 7.26
C PHE A 210 30.75 -6.12 8.75
N GLY A 211 31.09 -4.91 9.19
CA GLY A 211 31.01 -4.47 10.60
C GLY A 211 32.06 -5.14 11.48
N SER A 212 31.97 -4.90 12.79
CA SER A 212 32.94 -5.39 13.80
C SER A 212 32.21 -5.72 15.11
N LEU A 213 32.65 -6.78 15.78
CA LEU A 213 32.19 -7.19 17.13
C LEU A 213 33.33 -6.97 18.14
N TYR A 214 32.98 -6.89 19.43
CA TYR A 214 33.91 -6.83 20.57
C TYR A 214 34.35 -8.24 20.98
N LEU A 215 33.57 -9.26 20.59
CA LEU A 215 33.80 -10.69 20.93
C LEU A 215 34.75 -11.31 19.90
N GLN A 216 35.78 -12.03 20.36
CA GLN A 216 36.77 -12.75 19.52
C GLN A 216 36.85 -14.23 19.95
N GLY A 217 37.40 -15.07 19.08
CA GLY A 217 37.74 -16.48 19.36
C GLY A 217 36.54 -17.31 19.76
N ASP A 218 36.56 -17.85 20.99
CA ASP A 218 35.59 -18.86 21.50
C ASP A 218 34.56 -18.18 22.42
N GLU A 219 34.85 -16.98 22.94
CA GLU A 219 33.88 -16.16 23.73
C GLU A 219 32.76 -15.69 22.80
N LEU A 220 33.09 -15.45 21.51
CA LEU A 220 32.13 -15.15 20.42
C LEU A 220 31.23 -16.38 20.19
N LYS A 221 31.83 -17.57 20.09
CA LYS A 221 31.14 -18.86 19.82
C LYS A 221 30.22 -19.23 21.00
N LYS A 222 30.62 -18.87 22.22
CA LYS A 222 29.82 -19.11 23.47
C LYS A 222 28.57 -18.24 23.44
N THR A 223 28.69 -16.97 23.03
CA THR A 223 27.64 -15.92 23.14
C THR A 223 26.67 -16.01 21.96
N LEU A 224 27.16 -15.85 20.73
CA LEU A 224 26.34 -15.75 19.48
C LEU A 224 26.12 -17.14 18.88
N GLY A 225 27.14 -18.00 18.91
CA GLY A 225 27.05 -19.40 18.44
C GLY A 225 27.55 -19.55 17.02
N GLU A 226 27.13 -20.62 16.34
CA GLU A 226 27.52 -20.93 14.94
C GLU A 226 26.95 -19.85 14.03
N ARG A 227 25.61 -19.70 14.04
CA ARG A 227 24.86 -18.65 13.28
C ARG A 227 24.45 -17.55 14.27
N TRP A 228 25.11 -16.39 14.20
CA TRP A 228 24.92 -15.25 15.15
C TRP A 228 23.45 -14.87 15.25
N THR A 229 22.69 -15.02 14.17
CA THR A 229 21.26 -14.63 14.07
C THR A 229 20.41 -15.49 15.01
N ASP A 230 20.83 -16.73 15.33
CA ASP A 230 20.05 -17.67 16.17
C ASP A 230 20.07 -17.25 17.64
N TRP A 231 20.90 -16.27 18.00
CA TRP A 231 20.99 -15.66 19.37
C TRP A 231 19.61 -15.23 19.87
N LYS A 232 19.29 -15.60 21.11
CA LYS A 232 18.10 -15.13 21.88
C LYS A 232 18.60 -14.26 23.04
N PRO A 233 17.84 -13.23 23.46
CA PRO A 233 18.23 -12.43 24.62
C PRO A 233 18.20 -13.27 25.91
N GLY A 234 19.25 -13.17 26.72
CA GLY A 234 19.42 -13.95 27.97
C GLY A 234 18.73 -13.30 29.15
N ALA A 235 19.20 -13.61 30.36
CA ALA A 235 18.73 -13.02 31.64
C ALA A 235 19.15 -11.55 31.70
N GLY A 236 18.19 -10.66 32.00
CA GLY A 236 18.41 -9.20 32.10
C GLY A 236 18.82 -8.57 30.76
N GLN A 237 18.45 -9.21 29.65
CA GLN A 237 18.70 -8.72 28.26
C GLN A 237 17.36 -8.53 27.55
N THR A 238 17.30 -7.57 26.62
CA THR A 238 16.17 -7.32 25.69
C THR A 238 16.67 -7.59 24.27
N TRP A 239 15.78 -7.65 23.27
CA TRP A 239 16.16 -7.98 21.86
C TRP A 239 17.07 -6.89 21.27
N HIS A 240 17.12 -5.71 21.90
CA HIS A 240 18.06 -4.61 21.55
C HIS A 240 19.50 -4.92 22.00
N SER A 241 19.67 -5.83 22.98
CA SER A 241 20.94 -6.08 23.70
C SER A 241 22.09 -6.43 22.75
N PHE A 242 21.82 -7.22 21.68
CA PHE A 242 22.84 -7.68 20.71
C PHE A 242 23.70 -6.51 20.23
N ASN A 243 23.17 -5.26 20.28
CA ASN A 243 23.89 -4.02 19.87
C ASN A 243 25.04 -3.71 20.84
N ASP A 244 25.00 -4.26 22.06
CA ASP A 244 26.08 -4.16 23.07
C ASP A 244 27.32 -4.92 22.56
N TYR A 245 27.11 -5.97 21.76
CA TYR A 245 28.18 -6.85 21.21
C TYR A 245 28.80 -6.25 19.94
N ILE A 246 28.17 -5.24 19.34
CA ILE A 246 28.59 -4.69 18.01
C ILE A 246 29.44 -3.43 18.25
N ASN A 247 30.65 -3.42 17.69
CA ASN A 247 31.62 -2.30 17.76
C ASN A 247 31.35 -1.36 16.58
N PHE A 248 30.56 -0.31 16.82
CA PHE A 248 30.14 0.70 15.82
C PHE A 248 31.22 1.77 15.64
N SER A 249 32.39 1.62 16.27
CA SER A 249 33.55 2.55 16.15
C SER A 249 34.50 2.10 15.01
N ASP A 250 34.58 0.79 14.76
CA ASP A 250 35.53 0.19 13.78
C ASP A 250 35.28 0.81 12.40
N LYS A 251 36.23 1.63 11.93
CA LYS A 251 36.13 2.39 10.66
C LYS A 251 36.32 1.42 9.49
N ALA A 252 37.42 0.66 9.50
CA ALA A 252 37.82 -0.31 8.45
C ALA A 252 36.75 -1.40 8.28
N GLY A 253 36.12 -1.80 9.38
CA GLY A 253 35.14 -2.90 9.45
C GLY A 253 33.79 -2.50 8.87
N TRP A 254 33.32 -1.28 9.15
CA TRP A 254 31.99 -0.79 8.73
C TRP A 254 32.05 -0.19 7.32
N GLU A 255 33.25 0.08 6.80
CA GLU A 255 33.47 0.47 5.38
C GLU A 255 33.19 -0.72 4.46
N LYS A 256 33.30 -1.95 4.97
CA LYS A 256 33.02 -3.20 4.23
C LYS A 256 31.52 -3.36 3.98
N TRP A 257 30.68 -2.51 4.59
CA TRP A 257 29.20 -2.48 4.40
C TRP A 257 28.88 -1.70 3.12
N TRP A 258 27.98 -0.70 3.19
CA TRP A 258 27.56 0.11 2.01
C TRP A 258 28.77 0.87 1.47
N GLY A 259 29.50 1.53 2.37
CA GLY A 259 30.68 2.37 2.05
C GLY A 259 30.34 3.85 2.16
N LYS A 260 31.35 4.65 2.54
CA LYS A 260 31.24 6.11 2.83
C LYS A 260 30.51 6.84 1.69
N LYS A 261 30.62 6.33 0.45
CA LYS A 261 30.09 6.99 -0.79
C LYS A 261 28.59 6.71 -0.98
N TRP A 262 28.04 5.72 -0.27
CA TRP A 262 26.65 5.22 -0.45
C TRP A 262 25.69 5.79 0.62
N ILE A 263 26.10 5.84 1.88
CA ILE A 263 25.17 6.17 3.01
C ILE A 263 25.79 7.18 3.97
N ARG A 264 24.91 7.97 4.60
CA ARG A 264 25.16 8.74 5.85
C ARG A 264 24.63 7.91 7.02
N ILE A 265 25.46 7.69 8.04
CA ILE A 265 25.10 6.90 9.25
C ILE A 265 26.07 7.28 10.38
N ASP A 266 25.62 7.21 11.63
CA ASP A 266 26.44 7.58 12.83
C ASP A 266 27.25 6.33 13.25
N ILE A 267 28.25 5.98 12.45
CA ILE A 267 29.05 4.73 12.54
C ILE A 267 30.42 4.97 11.88
N GLY A 268 31.48 4.39 12.44
CA GLY A 268 32.85 4.36 11.89
C GLY A 268 33.27 5.68 11.25
N ASP A 269 33.76 5.63 10.02
CA ASP A 269 34.36 6.77 9.26
C ASP A 269 33.36 7.25 8.20
N TYR A 270 32.06 7.00 8.37
CA TYR A 270 30.98 7.48 7.47
C TYR A 270 30.66 8.95 7.77
N ASP A 271 30.24 9.69 6.73
CA ASP A 271 29.61 11.03 6.87
C ASP A 271 28.40 10.87 7.79
N ASN A 272 28.30 11.67 8.86
CA ASN A 272 27.19 11.62 9.84
C ASN A 272 25.94 12.18 9.17
N PRO A 273 24.72 11.72 9.55
CA PRO A 273 23.48 12.24 8.99
C PRO A 273 23.37 13.76 9.17
N GLY A 274 22.76 14.45 8.20
CA GLY A 274 22.52 15.90 8.25
C GLY A 274 21.41 16.27 9.21
N TYR A 275 20.97 17.53 9.18
CA TYR A 275 19.98 18.14 10.10
C TYR A 275 18.63 18.37 9.38
N ASP A 276 18.59 18.32 8.05
CA ASP A 276 17.37 18.57 7.24
C ASP A 276 16.72 17.24 6.83
N ASP A 277 15.49 17.30 6.31
CA ASP A 277 14.64 16.13 5.93
C ASP A 277 15.38 15.22 4.95
N LEU A 278 16.15 15.80 4.01
CA LEU A 278 16.80 15.08 2.89
C LEU A 278 17.97 14.21 3.39
N THR A 279 18.80 14.73 4.30
CA THR A 279 20.10 14.12 4.68
C THR A 279 20.09 13.57 6.12
N MET A 280 18.97 13.67 6.85
CA MET A 280 18.84 13.11 8.23
C MET A 280 18.69 11.59 8.14
N SER A 281 18.92 10.88 9.25
CA SER A 281 18.75 9.41 9.39
C SER A 281 17.46 9.10 10.14
N LEU A 282 16.48 8.50 9.45
CA LEU A 282 15.18 8.07 10.04
C LEU A 282 15.40 6.82 10.90
N ALA A 283 15.29 6.95 12.23
CA ALA A 283 15.31 5.84 13.22
C ALA A 283 16.65 5.09 13.17
N PHE A 284 17.76 5.78 12.87
CA PHE A 284 19.13 5.22 12.77
C PHE A 284 19.26 4.25 11.58
N LEU A 285 18.40 4.38 10.57
CA LEU A 285 18.54 3.64 9.29
C LEU A 285 19.65 4.32 8.49
N PRO A 286 20.49 3.55 7.76
CA PRO A 286 21.43 4.16 6.83
C PRO A 286 20.66 5.00 5.80
N ASP A 287 21.00 6.29 5.71
CA ASP A 287 20.40 7.26 4.76
C ASP A 287 21.19 7.21 3.45
N LEU A 288 20.55 6.81 2.35
CA LEU A 288 21.17 6.67 1.02
C LEU A 288 21.48 8.08 0.48
N LYS A 289 22.70 8.29 0.00
CA LYS A 289 23.21 9.60 -0.48
C LYS A 289 22.66 9.79 -1.91
N THR A 290 21.36 10.06 -2.01
CA THR A 290 20.61 10.16 -3.28
C THR A 290 20.97 11.47 -4.00
N GLU A 291 21.45 12.48 -3.26
CA GLU A 291 21.80 13.83 -3.78
C GLU A 291 23.26 13.85 -4.29
N SER A 292 24.09 12.91 -3.84
CA SER A 292 25.53 12.79 -4.16
C SER A 292 25.74 12.73 -5.68
N LYS A 293 26.65 13.58 -6.19
CA LYS A 293 27.09 13.62 -7.61
C LYS A 293 28.40 12.81 -7.75
N GLU A 294 28.81 12.12 -6.68
CA GLU A 294 30.05 11.31 -6.59
C GLU A 294 29.79 9.93 -7.20
N ILE A 295 30.63 9.51 -8.14
CA ILE A 295 30.63 8.12 -8.70
C ILE A 295 30.96 7.17 -7.54
N SER A 296 30.06 6.22 -7.25
CA SER A 296 30.06 5.44 -5.98
C SER A 296 30.66 4.05 -6.19
N GLY A 297 30.56 3.50 -7.40
CA GLY A 297 30.67 2.04 -7.61
C GLY A 297 29.56 1.34 -6.85
N LEU A 298 29.64 0.02 -6.70
CA LEU A 298 28.60 -0.77 -6.01
C LEU A 298 28.82 -0.66 -4.50
N PRO A 299 27.79 -0.98 -3.68
CA PRO A 299 27.97 -1.16 -2.25
C PRO A 299 29.12 -2.16 -2.00
N ASN A 300 30.00 -1.85 -1.05
CA ASN A 300 31.25 -2.62 -0.83
C ASN A 300 30.91 -4.08 -0.49
N PHE A 301 29.83 -4.31 0.26
CA PHE A 301 29.47 -5.66 0.79
C PHE A 301 28.88 -6.54 -0.34
N TYR A 302 28.55 -5.96 -1.51
CA TYR A 302 28.10 -6.73 -2.70
C TYR A 302 29.25 -7.60 -3.22
N SER A 303 30.50 -7.28 -2.85
CA SER A 303 31.71 -8.12 -3.09
C SER A 303 31.47 -9.54 -2.57
N HIS A 304 30.90 -9.68 -1.37
CA HIS A 304 30.61 -10.98 -0.69
C HIS A 304 29.17 -11.44 -0.96
N LYS A 305 28.49 -10.83 -1.95
CA LYS A 305 27.09 -11.15 -2.33
C LYS A 305 27.09 -11.58 -3.80
N PRO A 306 27.44 -12.85 -4.10
CA PRO A 306 27.62 -13.28 -5.49
C PRO A 306 26.30 -13.38 -6.27
N ASP A 307 25.17 -13.54 -5.57
CA ASP A 307 23.82 -13.76 -6.17
C ASP A 307 23.21 -12.45 -6.69
N THR A 308 23.79 -11.29 -6.38
CA THR A 308 23.26 -9.96 -6.81
C THR A 308 23.28 -9.87 -8.34
N ALA A 309 22.31 -9.15 -8.92
CA ALA A 309 22.23 -8.80 -10.36
C ALA A 309 22.72 -7.36 -10.57
N ALA A 310 23.16 -6.70 -9.50
CA ALA A 310 23.77 -5.35 -9.53
C ALA A 310 25.15 -5.45 -10.18
N LYS A 311 25.44 -4.56 -11.12
CA LYS A 311 26.76 -4.47 -11.80
C LYS A 311 27.17 -3.00 -11.78
N ALA A 312 28.46 -2.74 -11.58
CA ALA A 312 29.07 -1.39 -11.69
C ALA A 312 28.78 -0.83 -13.08
N ILE A 313 28.49 0.47 -13.17
CA ILE A 313 28.15 1.20 -14.42
C ILE A 313 28.92 2.51 -14.41
N PRO A 314 29.55 2.91 -15.55
CA PRO A 314 30.39 4.11 -15.59
C PRO A 314 29.60 5.38 -15.23
N GLY A 315 30.18 6.24 -14.39
CA GLY A 315 29.66 7.58 -14.05
C GLY A 315 28.47 7.53 -13.10
N TYR A 316 28.08 6.34 -12.63
CA TYR A 316 26.80 6.13 -11.90
C TYR A 316 26.96 6.53 -10.43
N THR A 317 25.99 7.32 -9.95
CA THR A 317 25.80 7.72 -8.54
C THR A 317 24.85 6.75 -7.86
N PRO A 318 24.83 6.70 -6.51
CA PRO A 318 23.85 5.87 -5.79
C PRO A 318 22.42 6.06 -6.32
N ARG A 319 22.02 7.30 -6.60
CA ARG A 319 20.69 7.60 -7.17
C ARG A 319 20.52 6.80 -8.47
N ASP A 320 21.47 6.93 -9.40
CA ASP A 320 21.41 6.32 -10.76
C ASP A 320 21.20 4.80 -10.62
N TYR A 321 21.97 4.14 -9.76
CA TYR A 321 21.84 2.69 -9.49
C TYR A 321 20.41 2.37 -9.03
N LEU A 322 19.89 3.16 -8.09
CA LEU A 322 18.58 2.91 -7.43
C LEU A 322 17.46 3.01 -8.46
N THR A 323 17.42 4.11 -9.24
CA THR A 323 16.37 4.33 -10.28
C THR A 323 16.48 3.24 -11.33
N HIS A 324 17.71 2.87 -11.70
CA HIS A 324 18.01 1.77 -12.65
C HIS A 324 17.42 0.46 -12.11
N TRP A 325 17.85 0.02 -10.92
CA TRP A 325 17.42 -1.27 -10.32
C TRP A 325 15.89 -1.36 -10.24
N LEU A 326 15.21 -0.27 -9.86
CA LEU A 326 13.73 -0.23 -9.71
C LEU A 326 13.05 -0.29 -11.09
N SER A 327 13.55 0.49 -12.05
CA SER A 327 13.08 0.54 -13.46
C SER A 327 13.17 -0.85 -14.12
N GLN A 328 14.23 -1.63 -13.83
CA GLN A 328 14.43 -2.98 -14.44
C GLN A 328 13.14 -3.80 -14.26
N TRP A 329 12.56 -3.80 -13.06
CA TRP A 329 11.37 -4.62 -12.71
C TRP A 329 10.18 -4.24 -13.58
N VAL A 330 10.06 -2.96 -13.90
CA VAL A 330 8.99 -2.41 -14.78
C VAL A 330 9.20 -2.96 -16.20
N ARG A 331 10.41 -2.80 -16.74
CA ARG A 331 10.80 -3.28 -18.09
C ARG A 331 10.56 -4.80 -18.22
N ASP A 332 10.91 -5.57 -17.19
CA ASP A 332 10.87 -7.06 -17.23
C ASP A 332 9.45 -7.58 -17.02
N TYR A 333 8.64 -6.97 -16.16
CA TYR A 333 7.38 -7.57 -15.65
C TYR A 333 6.12 -6.77 -16.05
N GLY A 334 6.25 -5.48 -16.37
CA GLY A 334 5.11 -4.62 -16.75
C GLY A 334 4.39 -4.04 -15.55
N ILE A 335 5.11 -3.80 -14.46
CA ILE A 335 4.64 -3.12 -13.21
C ILE A 335 4.04 -1.76 -13.62
N ASP A 336 2.77 -1.52 -13.27
CA ASP A 336 1.98 -0.39 -13.80
C ASP A 336 2.30 0.90 -13.03
N GLY A 337 2.92 0.79 -11.85
CA GLY A 337 3.25 1.98 -11.05
C GLY A 337 3.98 1.68 -9.76
N PHE A 338 4.40 2.74 -9.07
CA PHE A 338 5.01 2.71 -7.73
C PHE A 338 4.18 3.54 -6.75
N ARG A 339 4.00 3.01 -5.53
CA ARG A 339 3.77 3.82 -4.31
C ARG A 339 5.16 4.11 -3.71
N VAL A 340 5.55 5.38 -3.63
CA VAL A 340 6.91 5.82 -3.17
C VAL A 340 6.86 6.14 -1.68
N ASP A 341 7.67 5.45 -0.88
CA ASP A 341 7.85 5.68 0.58
C ASP A 341 8.67 6.96 0.80
N THR A 342 8.44 7.63 1.93
CA THR A 342 9.26 8.74 2.51
C THR A 342 9.70 9.71 1.40
N ALA A 343 8.72 10.27 0.68
CA ALA A 343 8.92 11.16 -0.48
C ALA A 343 9.56 12.49 -0.07
N LYS A 344 9.33 12.95 1.17
CA LYS A 344 9.83 14.29 1.63
C LYS A 344 11.32 14.19 2.03
N HIS A 345 11.86 12.98 2.20
CA HIS A 345 13.23 12.75 2.72
C HIS A 345 14.22 12.49 1.57
N VAL A 346 13.80 12.75 0.33
CA VAL A 346 14.59 12.55 -0.92
C VAL A 346 14.27 13.73 -1.85
N GLU A 347 15.30 14.39 -2.38
CA GLU A 347 15.19 15.55 -3.31
C GLU A 347 14.27 15.19 -4.48
N MET A 348 13.65 16.20 -5.10
CA MET A 348 12.58 16.02 -6.11
C MET A 348 13.14 15.46 -7.42
N ASP A 349 14.39 15.82 -7.76
CA ASP A 349 15.09 15.39 -9.01
C ASP A 349 15.13 13.86 -9.07
N ALA A 350 15.47 13.22 -7.94
CA ALA A 350 15.51 11.75 -7.78
C ALA A 350 14.17 11.14 -8.24
N TRP A 351 13.06 11.69 -7.75
CA TRP A 351 11.69 11.19 -8.06
C TRP A 351 11.38 11.42 -9.54
N GLN A 352 11.79 12.55 -10.10
CA GLN A 352 11.60 12.86 -11.54
C GLN A 352 12.33 11.82 -12.39
N GLN A 353 13.60 11.53 -12.05
CA GLN A 353 14.46 10.55 -12.74
C GLN A 353 13.79 9.17 -12.72
N LEU A 354 13.42 8.69 -11.53
CA LEU A 354 12.71 7.39 -11.34
C LEU A 354 11.50 7.34 -12.29
N LYS A 355 10.71 8.42 -12.34
CA LYS A 355 9.48 8.50 -13.17
C LYS A 355 9.86 8.39 -14.64
N THR A 356 10.78 9.24 -15.10
CA THR A 356 11.26 9.26 -16.51
C THR A 356 11.61 7.82 -16.93
N GLN A 357 12.47 7.16 -16.15
CA GLN A 357 13.01 5.80 -16.43
C GLN A 357 11.89 4.77 -16.38
N ALA A 358 11.10 4.76 -15.30
CA ALA A 358 10.01 3.77 -15.10
C ALA A 358 8.98 3.91 -16.22
N THR A 359 8.73 5.15 -16.67
CA THR A 359 7.78 5.47 -17.77
C THR A 359 8.29 4.85 -19.08
N ALA A 360 9.55 5.11 -19.43
CA ALA A 360 10.24 4.52 -20.61
C ALA A 360 10.19 2.99 -20.54
N ALA A 361 10.51 2.42 -19.37
CA ALA A 361 10.56 0.97 -19.11
C ALA A 361 9.18 0.33 -19.34
N LEU A 362 8.11 0.95 -18.83
CA LEU A 362 6.73 0.38 -18.97
C LEU A 362 6.33 0.44 -20.45
N ALA A 363 6.60 1.57 -21.12
CA ALA A 363 6.35 1.75 -22.56
C ALA A 363 7.02 0.62 -23.36
N GLU A 364 8.25 0.25 -22.98
CA GLU A 364 9.05 -0.82 -23.63
C GLU A 364 8.30 -2.16 -23.46
N TRP A 365 7.98 -2.54 -22.22
CA TRP A 365 7.36 -3.84 -21.86
C TRP A 365 6.01 -3.99 -22.56
N LYS A 366 5.24 -2.89 -22.67
CA LYS A 366 3.89 -2.88 -23.27
C LYS A 366 4.03 -3.07 -24.79
N LYS A 367 5.02 -2.38 -25.40
CA LYS A 367 5.42 -2.56 -26.82
C LYS A 367 5.71 -4.05 -27.07
N ALA A 368 6.52 -4.67 -26.20
CA ALA A 368 7.10 -6.01 -26.38
C ALA A 368 6.14 -7.13 -25.96
N ASN A 369 5.00 -6.78 -25.35
CA ASN A 369 3.98 -7.76 -24.85
C ASN A 369 2.58 -7.23 -25.14
N PRO A 370 2.22 -6.94 -26.41
CA PRO A 370 1.00 -6.19 -26.72
C PRO A 370 -0.30 -6.99 -26.44
N ASP A 371 -0.22 -8.32 -26.46
CA ASP A 371 -1.35 -9.23 -26.11
C ASP A 371 -1.67 -9.10 -24.62
N LYS A 372 -0.63 -9.10 -23.77
CA LYS A 372 -0.72 -9.03 -22.28
C LYS A 372 -1.10 -7.62 -21.82
N ALA A 373 -0.62 -6.58 -22.51
CA ALA A 373 -0.77 -5.16 -22.11
C ALA A 373 -2.25 -4.80 -21.97
N LEU A 374 -2.63 -4.27 -20.81
CA LEU A 374 -4.01 -3.82 -20.48
C LEU A 374 -4.43 -2.72 -21.47
N ASP A 375 -3.56 -1.73 -21.66
CA ASP A 375 -3.82 -0.49 -22.44
C ASP A 375 -2.48 0.19 -22.71
N ALA A 376 -2.48 1.36 -23.34
CA ALA A 376 -1.28 2.12 -23.71
C ALA A 376 -0.98 3.20 -22.67
N ALA A 377 -1.55 3.08 -21.46
CA ALA A 377 -1.49 4.11 -20.39
C ALA A 377 -0.05 4.24 -19.88
N PRO A 378 0.39 5.45 -19.51
CA PRO A 378 1.71 5.63 -18.92
C PRO A 378 1.83 5.06 -17.50
N PHE A 379 3.08 4.93 -17.04
CA PHE A 379 3.45 4.51 -15.67
C PHE A 379 2.86 5.53 -14.67
N TRP A 380 2.20 5.02 -13.63
CA TRP A 380 1.57 5.81 -12.56
C TRP A 380 2.47 5.78 -11.32
N MET A 381 2.78 6.93 -10.72
CA MET A 381 3.59 7.01 -9.48
C MET A 381 2.85 7.89 -8.45
N THR A 382 2.61 7.33 -7.26
CA THR A 382 2.02 8.04 -6.10
C THR A 382 3.06 8.09 -4.97
N GLY A 383 2.98 9.10 -4.10
CA GLY A 383 4.00 9.37 -3.07
C GLY A 383 3.42 9.48 -1.67
N GLU A 384 4.18 9.01 -0.67
CA GLU A 384 3.94 9.25 0.76
C GLU A 384 4.78 10.44 1.21
N ALA A 385 4.17 11.63 1.29
CA ALA A 385 4.69 12.81 2.04
C ALA A 385 3.85 12.99 3.30
N TRP A 386 4.44 12.78 4.48
CA TRP A 386 3.71 12.78 5.78
C TRP A 386 2.96 14.11 5.94
N GLY A 387 1.65 14.04 6.17
CA GLY A 387 0.79 15.21 6.41
C GLY A 387 0.24 15.82 5.12
N HIS A 388 0.51 15.20 3.97
CA HIS A 388 0.00 15.68 2.65
C HIS A 388 -1.52 15.54 2.66
N GLY A 389 -2.22 16.60 2.25
CA GLY A 389 -3.70 16.63 2.15
C GLY A 389 -4.15 16.71 0.71
N VAL A 390 -5.35 17.24 0.49
CA VAL A 390 -5.95 17.41 -0.86
C VAL A 390 -5.43 18.74 -1.41
N MET A 391 -4.38 18.66 -2.23
CA MET A 391 -3.53 19.79 -2.63
C MET A 391 -2.69 19.36 -3.83
N GLN A 392 -2.58 20.20 -4.86
CA GLN A 392 -1.66 19.98 -6.01
C GLN A 392 -0.30 20.58 -5.63
N SER A 393 0.44 19.88 -4.78
CA SER A 393 1.78 20.26 -4.25
C SER A 393 2.84 20.18 -5.36
N ASP A 394 4.07 20.59 -5.05
CA ASP A 394 5.24 20.58 -5.97
C ASP A 394 5.51 19.16 -6.48
N TYR A 395 5.17 18.14 -5.70
CA TYR A 395 5.37 16.71 -6.05
C TYR A 395 4.78 16.45 -7.44
N TYR A 396 3.65 17.09 -7.76
CA TYR A 396 2.86 16.85 -9.01
C TYR A 396 3.61 17.41 -10.23
N ARG A 397 4.63 18.24 -10.03
CA ARG A 397 5.45 18.88 -11.10
C ARG A 397 6.74 18.08 -11.35
N HIS A 398 7.04 17.10 -10.49
CA HIS A 398 8.31 16.33 -10.49
C HIS A 398 8.03 14.81 -10.57
N GLY A 399 6.94 14.40 -11.21
CA GLY A 399 6.73 13.01 -11.67
C GLY A 399 5.63 12.27 -10.93
N PHE A 400 4.98 12.87 -9.94
CA PHE A 400 3.88 12.22 -9.17
C PHE A 400 2.53 12.53 -9.86
N ASP A 401 1.73 11.48 -10.10
CA ASP A 401 0.39 11.56 -10.73
C ASP A 401 -0.67 11.79 -9.64
N ALA A 402 -0.31 11.49 -8.39
CA ALA A 402 -1.19 11.56 -7.21
C ALA A 402 -0.31 11.43 -5.96
N MET A 403 -0.65 12.17 -4.90
CA MET A 403 -0.01 11.98 -3.58
C MET A 403 -1.03 11.34 -2.65
N ILE A 404 -0.54 10.64 -1.63
CA ILE A 404 -1.41 9.98 -0.60
C ILE A 404 -2.04 11.10 0.24
N ASN A 405 -3.36 11.07 0.38
CA ASN A 405 -4.15 12.03 1.19
C ASN A 405 -4.23 11.50 2.63
N PHE A 406 -3.52 12.16 3.55
CA PHE A 406 -3.45 11.78 4.99
C PHE A 406 -4.69 12.25 5.75
N ASP A 407 -5.44 13.20 5.20
CA ASP A 407 -6.49 13.98 5.91
C ASP A 407 -7.83 13.23 5.89
N TYR A 408 -8.05 12.34 4.92
CA TYR A 408 -9.35 11.66 4.73
C TYR A 408 -9.67 10.73 5.91
N GLN A 409 -8.65 10.10 6.50
CA GLN A 409 -8.81 9.11 7.61
C GLN A 409 -9.62 9.77 8.73
N ASP A 410 -9.19 10.95 9.18
CA ASP A 410 -9.76 11.67 10.36
C ASP A 410 -11.07 12.35 9.98
N GLN A 411 -11.21 12.80 8.73
CA GLN A 411 -12.46 13.39 8.19
C GLN A 411 -13.56 12.32 8.22
N ALA A 412 -13.26 11.10 7.77
CA ALA A 412 -14.21 9.96 7.70
C ALA A 412 -14.52 9.45 9.11
N ALA A 413 -13.60 9.66 10.07
CA ALA A 413 -13.77 9.28 11.50
C ALA A 413 -14.99 10.00 12.09
N LYS A 414 -15.25 11.24 11.64
CA LYS A 414 -16.37 12.10 12.06
C LYS A 414 -17.67 11.66 11.41
N ALA A 415 -17.65 10.64 10.55
CA ALA A 415 -18.83 10.10 9.84
C ALA A 415 -18.96 8.59 10.05
N ALA A 416 -18.21 8.02 11.00
CA ALA A 416 -18.20 6.57 11.35
C ALA A 416 -19.61 6.09 11.69
N THR A 417 -20.33 6.84 12.54
CA THR A 417 -21.69 6.49 13.04
C THR A 417 -22.76 7.07 12.12
N CYS A 418 -22.42 8.05 11.28
CA CYS A 418 -23.38 8.79 10.41
C CYS A 418 -22.75 9.10 9.04
N MET A 419 -23.19 8.41 7.99
CA MET A 419 -22.60 8.52 6.62
C MET A 419 -22.72 9.96 6.12
N ALA A 420 -23.82 10.65 6.43
CA ALA A 420 -24.16 12.00 5.90
C ALA A 420 -23.18 13.08 6.40
N ASN A 421 -22.50 12.86 7.52
CA ASN A 421 -21.52 13.81 8.12
C ASN A 421 -20.28 13.98 7.23
N ILE A 422 -20.09 13.13 6.21
CA ILE A 422 -18.92 13.19 5.27
C ILE A 422 -19.20 14.21 4.15
N ASP A 423 -20.46 14.62 3.97
CA ASP A 423 -20.91 15.39 2.77
C ASP A 423 -20.00 16.60 2.52
N LEU A 424 -19.65 17.36 3.56
CA LEU A 424 -18.82 18.59 3.41
C LEU A 424 -17.44 18.21 2.87
N THR A 425 -16.88 17.09 3.33
CA THR A 425 -15.57 16.55 2.89
C THR A 425 -15.65 16.14 1.42
N TRP A 426 -16.72 15.42 1.03
CA TRP A 426 -16.94 14.91 -0.35
C TRP A 426 -17.19 16.05 -1.33
N GLN A 427 -17.86 17.12 -0.90
CA GLN A 427 -18.11 18.31 -1.75
C GLN A 427 -16.77 18.99 -2.04
N GLN A 428 -16.01 19.33 -0.99
CA GLN A 428 -14.63 19.88 -1.08
C GLN A 428 -13.81 19.04 -2.07
N MET A 429 -13.80 17.72 -1.91
CA MET A 429 -12.92 16.79 -2.65
C MET A 429 -13.39 16.67 -4.10
N ALA A 430 -14.68 16.46 -4.34
CA ALA A 430 -15.23 16.29 -5.70
C ALA A 430 -14.89 17.52 -6.55
N ASP A 431 -14.79 18.68 -5.92
CA ASP A 431 -14.56 19.98 -6.60
C ASP A 431 -13.06 20.12 -6.91
N LYS A 432 -12.21 20.03 -5.89
CA LYS A 432 -10.74 20.24 -6.01
C LYS A 432 -10.14 19.18 -6.94
N LEU A 433 -10.71 17.96 -6.98
CA LEU A 433 -10.13 16.83 -7.76
C LEU A 433 -10.72 16.81 -9.18
N GLN A 434 -11.16 17.97 -9.67
CA GLN A 434 -11.47 18.17 -11.11
C GLN A 434 -10.15 18.46 -11.86
N SER A 435 -9.15 19.02 -11.18
CA SER A 435 -7.87 19.49 -11.75
C SER A 435 -6.69 18.54 -11.43
N PHE A 436 -6.83 17.65 -10.44
CA PHE A 436 -5.76 16.68 -10.04
C PHE A 436 -6.37 15.51 -9.26
N ASN A 437 -5.51 14.62 -8.75
CA ASN A 437 -5.89 13.33 -8.11
C ASN A 437 -5.07 13.11 -6.83
N VAL A 438 -5.67 12.41 -5.87
CA VAL A 438 -4.99 11.92 -4.63
C VAL A 438 -5.40 10.46 -4.39
N LEU A 439 -4.69 9.79 -3.47
CA LEU A 439 -5.03 8.43 -3.01
C LEU A 439 -5.41 8.50 -1.53
N SER A 440 -6.71 8.43 -1.24
CA SER A 440 -7.28 8.54 0.13
C SER A 440 -7.41 7.14 0.73
N TYR A 441 -7.26 7.04 2.06
CA TYR A 441 -7.38 5.78 2.83
C TYR A 441 -8.17 6.03 4.13
N LEU A 442 -8.74 4.97 4.69
CA LEU A 442 -9.29 4.91 6.07
C LEU A 442 -8.23 4.33 7.01
N SER A 443 -7.60 3.23 6.60
CA SER A 443 -6.60 2.49 7.41
C SER A 443 -5.23 2.57 6.73
N SER A 444 -4.16 2.51 7.52
CA SER A 444 -2.77 2.36 7.01
C SER A 444 -1.90 1.73 8.11
N HIS A 445 -0.77 1.13 7.70
CA HIS A 445 0.24 0.49 8.55
C HIS A 445 0.96 1.54 9.42
N ASP A 446 0.83 2.83 9.07
CA ASP A 446 1.58 3.97 9.68
C ASP A 446 0.69 4.74 10.67
N THR A 447 -0.62 4.51 10.65
CA THR A 447 -1.64 5.31 11.38
C THR A 447 -2.43 4.38 12.32
N ARG A 448 -3.57 3.86 11.87
CA ARG A 448 -4.43 2.96 12.66
C ARG A 448 -5.38 2.21 11.72
N LEU A 449 -6.09 1.23 12.28
CA LEU A 449 -7.18 0.50 11.56
C LEU A 449 -8.51 1.22 11.83
N PHE A 450 -9.16 1.69 10.77
CA PHE A 450 -10.51 2.31 10.80
C PHE A 450 -11.55 1.21 11.04
N ARG A 451 -11.93 1.00 12.31
CA ARG A 451 -12.90 -0.06 12.73
C ARG A 451 -14.14 0.55 13.39
N GLU A 452 -14.08 1.82 13.81
CA GLU A 452 -15.18 2.54 14.51
C GLU A 452 -16.43 2.60 13.62
N GLY A 453 -16.30 2.29 12.32
CA GLY A 453 -17.41 2.33 11.35
C GLY A 453 -18.24 1.06 11.34
N GLY A 454 -17.60 -0.10 11.33
CA GLY A 454 -18.20 -1.38 10.88
C GLY A 454 -18.16 -1.48 9.37
N ALA A 455 -19.24 -1.97 8.74
CA ALA A 455 -19.37 -2.16 7.28
C ALA A 455 -19.64 -0.81 6.56
N THR A 456 -19.95 0.26 7.29
CA THR A 456 -20.14 1.64 6.71
C THR A 456 -18.82 2.17 6.15
N ALA A 457 -17.67 1.62 6.55
CA ALA A 457 -16.33 1.95 5.98
C ALA A 457 -16.35 1.77 4.46
N ALA A 458 -17.07 0.76 3.96
CA ALA A 458 -17.27 0.49 2.52
C ALA A 458 -17.72 1.76 1.79
N GLU A 459 -18.81 2.40 2.22
CA GLU A 459 -19.37 3.60 1.52
C GLU A 459 -18.49 4.82 1.81
N LEU A 460 -17.95 4.96 3.02
CA LEU A 460 -17.07 6.10 3.37
C LEU A 460 -15.87 6.16 2.41
N LEU A 461 -15.22 5.02 2.18
CA LEU A 461 -14.01 4.93 1.31
C LEU A 461 -14.41 4.90 -0.17
N LEU A 462 -15.21 3.91 -0.58
CA LEU A 462 -15.38 3.56 -2.01
C LEU A 462 -16.21 4.62 -2.75
N LEU A 463 -16.96 5.48 -2.04
CA LEU A 463 -17.75 6.56 -2.68
C LEU A 463 -16.99 7.90 -2.59
N ALA A 464 -15.81 7.93 -2.01
CA ALA A 464 -14.97 9.16 -1.91
C ALA A 464 -14.47 9.54 -3.31
N PRO A 465 -14.44 10.84 -3.66
CA PRO A 465 -13.76 11.29 -4.87
C PRO A 465 -12.28 10.89 -4.89
N GLY A 466 -11.73 10.72 -6.09
CA GLY A 466 -10.30 10.40 -6.33
C GLY A 466 -10.00 8.93 -6.10
N ALA A 467 -8.74 8.52 -6.26
CA ALA A 467 -8.26 7.14 -6.02
C ALA A 467 -8.45 6.78 -4.54
N VAL A 468 -8.82 5.54 -4.25
CA VAL A 468 -9.06 5.07 -2.85
C VAL A 468 -8.16 3.85 -2.59
N GLN A 469 -7.63 3.78 -1.37
CA GLN A 469 -6.75 2.68 -0.90
C GLN A 469 -7.48 1.88 0.17
N ILE A 470 -7.99 0.71 -0.19
CA ILE A 470 -8.41 -0.35 0.78
C ILE A 470 -7.14 -0.92 1.40
N PHE A 471 -6.97 -0.82 2.71
CA PHE A 471 -5.93 -1.57 3.46
C PHE A 471 -6.49 -2.97 3.69
N TYR A 472 -5.68 -4.00 3.43
CA TYR A 472 -6.12 -5.42 3.49
C TYR A 472 -6.83 -5.64 4.82
N GLY A 473 -8.07 -6.17 4.76
CA GLY A 473 -8.87 -6.51 5.95
C GLY A 473 -9.90 -5.45 6.29
N ASP A 474 -9.80 -4.24 5.69
CA ASP A 474 -10.85 -3.19 5.80
C ASP A 474 -12.21 -3.84 5.55
N GLU A 475 -12.31 -4.67 4.52
CA GLU A 475 -13.56 -5.30 4.04
C GLU A 475 -14.07 -6.33 5.06
N SER A 476 -13.20 -6.83 5.95
CA SER A 476 -13.49 -7.94 6.90
C SER A 476 -13.27 -7.50 8.36
N SER A 477 -13.08 -6.21 8.62
CA SER A 477 -12.80 -5.65 9.97
C SER A 477 -11.68 -6.46 10.64
N ARG A 478 -10.57 -6.66 9.92
CA ARG A 478 -9.37 -7.36 10.44
C ARG A 478 -8.93 -6.67 11.74
N PRO A 479 -8.96 -7.37 12.89
CA PRO A 479 -8.72 -6.72 14.18
C PRO A 479 -7.25 -6.32 14.32
N PHE A 480 -7.00 -5.19 14.99
CA PHE A 480 -5.65 -4.78 15.44
C PHE A 480 -5.08 -5.91 16.28
N GLY A 481 -3.95 -6.49 15.84
CA GLY A 481 -3.35 -7.69 16.44
C GLY A 481 -2.36 -7.33 17.53
N PRO A 482 -1.65 -8.33 18.10
CA PRO A 482 -0.61 -8.06 19.10
C PRO A 482 0.45 -7.09 18.57
N THR A 483 0.95 -6.19 19.42
CA THR A 483 1.75 -5.01 19.01
C THR A 483 3.02 -4.87 19.87
N GLY A 484 3.12 -5.56 21.01
CA GLY A 484 4.25 -5.40 21.94
C GLY A 484 4.46 -3.94 22.32
N SER A 485 5.72 -3.46 22.30
CA SER A 485 6.12 -2.09 22.71
C SER A 485 6.30 -1.17 21.48
N ASP A 486 5.82 -1.59 20.31
CA ASP A 486 5.69 -0.73 19.11
C ASP A 486 4.20 -0.55 18.81
N PRO A 487 3.64 0.66 18.99
CA PRO A 487 2.20 0.88 18.85
C PRO A 487 1.60 0.57 17.46
N LEU A 488 2.41 0.60 16.39
CA LEU A 488 1.93 0.48 14.98
C LEU A 488 1.85 -0.98 14.54
N GLN A 489 2.54 -1.90 15.21
CA GLN A 489 2.72 -3.31 14.75
C GLN A 489 1.37 -4.01 14.59
N GLY A 490 0.42 -3.76 15.48
CA GLY A 490 -0.91 -4.40 15.45
C GLY A 490 -1.69 -4.08 14.19
N THR A 491 -1.32 -3.01 13.48
CA THR A 491 -1.97 -2.62 12.20
C THR A 491 -1.63 -3.63 11.11
N ARG A 492 -0.57 -4.44 11.30
CA ARG A 492 -0.05 -5.41 10.31
C ARG A 492 -0.40 -6.85 10.71
N SER A 493 -1.51 -7.04 11.43
CA SER A 493 -2.01 -8.38 11.86
C SER A 493 -2.35 -9.24 10.63
N GLU A 494 -2.44 -10.56 10.83
CA GLU A 494 -2.75 -11.52 9.73
C GLU A 494 -4.14 -11.21 9.19
N MET A 495 -4.36 -11.47 7.90
CA MET A 495 -5.69 -11.37 7.24
C MET A 495 -6.63 -12.38 7.94
N ASN A 496 -7.81 -11.92 8.34
CA ASN A 496 -8.80 -12.72 9.10
C ASN A 496 -9.70 -13.45 8.10
N TRP A 497 -9.14 -14.44 7.39
CA TRP A 497 -9.85 -15.24 6.36
C TRP A 497 -11.00 -16.02 7.01
N GLN A 498 -10.89 -16.40 8.29
CA GLN A 498 -11.96 -17.13 9.03
C GLN A 498 -13.21 -16.24 9.09
N ASP A 499 -13.04 -14.92 9.19
CA ASP A 499 -14.14 -13.94 9.29
C ASP A 499 -14.70 -13.67 7.88
N VAL A 500 -13.83 -13.59 6.87
CA VAL A 500 -14.23 -13.42 5.44
C VAL A 500 -15.23 -14.53 5.08
N ASN A 501 -14.98 -15.75 5.58
CA ASN A 501 -15.79 -16.96 5.30
C ASN A 501 -16.74 -17.25 6.46
N GLY A 502 -16.96 -16.25 7.33
CA GLY A 502 -17.73 -16.40 8.58
C GLY A 502 -18.50 -15.14 8.91
N LYS A 503 -18.22 -14.56 10.09
CA LYS A 503 -19.06 -13.49 10.71
C LYS A 503 -19.00 -12.20 9.88
N ALA A 504 -17.94 -11.99 9.09
CA ALA A 504 -17.73 -10.76 8.28
C ALA A 504 -18.15 -10.98 6.83
N ALA A 505 -18.88 -12.06 6.52
CA ALA A 505 -19.36 -12.36 5.15
C ALA A 505 -20.29 -11.25 4.66
N ARG A 506 -21.19 -10.78 5.54
CA ARG A 506 -22.14 -9.66 5.28
C ARG A 506 -21.32 -8.43 4.85
N SER A 507 -20.30 -8.07 5.64
CA SER A 507 -19.44 -6.88 5.41
C SER A 507 -18.72 -7.00 4.05
N VAL A 508 -18.11 -8.14 3.77
CA VAL A 508 -17.35 -8.38 2.51
C VAL A 508 -18.32 -8.23 1.33
N THR A 509 -19.51 -8.83 1.43
CA THR A 509 -20.55 -8.78 0.37
C THR A 509 -20.91 -7.32 0.11
N HIS A 510 -21.00 -6.51 1.17
CA HIS A 510 -21.31 -5.06 1.12
C HIS A 510 -20.23 -4.36 0.31
N TRP A 511 -18.96 -4.52 0.70
CA TRP A 511 -17.77 -3.97 0.01
C TRP A 511 -17.79 -4.37 -1.47
N GLN A 512 -18.13 -5.62 -1.78
CA GLN A 512 -18.14 -6.15 -3.16
C GLN A 512 -19.11 -5.33 -4.02
N LYS A 513 -20.30 -5.05 -3.50
CA LYS A 513 -21.38 -4.37 -4.26
C LYS A 513 -21.00 -2.90 -4.48
N ILE A 514 -20.53 -2.22 -3.45
CA ILE A 514 -20.12 -0.77 -3.56
C ILE A 514 -18.97 -0.71 -4.56
N GLY A 515 -17.92 -1.50 -4.36
CA GLY A 515 -16.69 -1.53 -5.18
C GLY A 515 -17.00 -1.82 -6.64
N GLN A 516 -17.88 -2.80 -6.90
CA GLN A 516 -18.36 -3.13 -8.28
C GLN A 516 -19.08 -1.91 -8.85
N PHE A 517 -19.96 -1.27 -8.07
CA PHE A 517 -20.70 -0.07 -8.49
C PHE A 517 -19.71 1.05 -8.84
N ARG A 518 -18.66 1.21 -8.04
CA ARG A 518 -17.58 2.21 -8.28
C ARG A 518 -16.90 1.89 -9.61
N ALA A 519 -16.60 0.61 -9.87
CA ALA A 519 -15.88 0.15 -11.08
C ALA A 519 -16.72 0.44 -12.33
N ARG A 520 -18.05 0.54 -12.18
CA ARG A 520 -19.02 0.75 -13.28
C ARG A 520 -19.20 2.25 -13.59
N HIS A 521 -18.73 3.14 -12.70
CA HIS A 521 -19.10 4.59 -12.72
C HIS A 521 -17.91 5.47 -12.37
N PRO A 522 -17.11 5.90 -13.38
CA PRO A 522 -16.05 6.89 -13.16
C PRO A 522 -16.52 8.19 -12.49
N ALA A 523 -17.83 8.48 -12.55
CA ALA A 523 -18.45 9.68 -11.93
C ALA A 523 -18.20 9.68 -10.42
N ILE A 524 -18.20 8.51 -9.77
CA ILE A 524 -17.89 8.36 -8.32
C ILE A 524 -16.55 9.05 -8.04
N GLY A 525 -15.51 8.66 -8.77
CA GLY A 525 -14.13 9.13 -8.56
C GLY A 525 -13.87 10.50 -9.16
N MET A 526 -14.54 10.84 -10.27
CA MET A 526 -14.12 11.98 -11.14
C MET A 526 -15.21 13.06 -11.23
N GLY A 527 -16.47 12.73 -10.91
CA GLY A 527 -17.64 13.56 -11.21
C GLY A 527 -17.81 14.75 -10.28
N LYS A 528 -18.45 15.81 -10.78
CA LYS A 528 -18.92 16.98 -10.00
C LYS A 528 -20.09 16.51 -9.12
N GLN A 529 -20.11 16.89 -7.84
CA GLN A 529 -21.13 16.44 -6.87
C GLN A 529 -22.20 17.53 -6.70
N THR A 530 -23.47 17.14 -6.84
CA THR A 530 -24.66 17.92 -6.41
C THR A 530 -25.31 17.16 -5.25
N THR A 531 -25.17 17.66 -4.03
CA THR A 531 -25.91 17.13 -2.85
C THR A 531 -27.39 17.47 -3.03
N LEU A 532 -28.27 16.48 -2.87
CA LEU A 532 -29.74 16.62 -3.03
C LEU A 532 -30.33 17.17 -1.72
N SER A 533 -31.52 17.79 -1.79
CA SER A 533 -32.31 18.26 -0.63
C SER A 533 -33.58 17.41 -0.50
N MET A 534 -33.64 16.57 0.53
CA MET A 534 -34.78 15.66 0.83
C MET A 534 -35.05 15.68 2.33
N SER A 535 -36.33 15.62 2.73
CA SER A 535 -36.76 15.31 4.12
C SER A 535 -36.63 13.79 4.34
N ARG A 536 -36.58 13.02 3.24
CA ARG A 536 -36.39 11.55 3.23
C ARG A 536 -34.92 11.23 2.92
N GLY A 537 -34.06 11.24 3.94
CA GLY A 537 -32.69 10.69 3.90
C GLY A 537 -31.68 11.59 3.19
N TYR A 538 -30.39 11.22 3.26
CA TYR A 538 -29.24 11.91 2.61
C TYR A 538 -28.99 11.33 1.21
N GLY A 539 -28.50 12.16 0.29
CA GLY A 539 -28.21 11.75 -1.09
C GLY A 539 -27.36 12.77 -1.85
N PHE A 540 -26.70 12.32 -2.90
CA PHE A 540 -25.96 13.15 -3.88
C PHE A 540 -26.08 12.51 -5.26
N VAL A 541 -25.84 13.29 -6.32
CA VAL A 541 -25.50 12.75 -7.67
C VAL A 541 -24.06 13.16 -7.97
N ARG A 542 -23.38 12.38 -8.80
CA ARG A 542 -22.06 12.73 -9.39
C ARG A 542 -22.18 12.49 -10.90
N GLU A 543 -21.75 13.49 -11.69
CA GLU A 543 -21.73 13.44 -13.17
C GLU A 543 -20.32 13.83 -13.62
N SER A 544 -19.69 12.99 -14.43
CA SER A 544 -18.43 13.27 -15.15
C SER A 544 -18.60 12.83 -16.61
N GLY A 545 -18.81 13.79 -17.51
CA GLY A 545 -19.00 13.58 -18.96
C GLY A 545 -20.07 12.54 -19.25
N GLU A 546 -19.64 11.32 -19.60
CA GLU A 546 -20.52 10.20 -20.02
C GLU A 546 -21.34 9.70 -18.82
N ASP A 547 -20.69 9.46 -17.67
CA ASP A 547 -21.27 8.72 -16.52
C ASP A 547 -22.05 9.67 -15.61
N LYS A 548 -23.12 9.13 -15.01
CA LYS A 548 -24.08 9.86 -14.14
C LYS A 548 -24.63 8.85 -13.12
N VAL A 549 -24.43 9.10 -11.83
CA VAL A 549 -24.90 8.19 -10.73
C VAL A 549 -25.54 9.02 -9.63
N MET A 550 -26.58 8.45 -9.02
CA MET A 550 -27.29 8.99 -7.83
C MET A 550 -27.14 7.98 -6.69
N VAL A 551 -26.66 8.44 -5.53
CA VAL A 551 -26.44 7.60 -4.31
C VAL A 551 -27.31 8.17 -3.19
N ILE A 552 -28.32 7.39 -2.77
CA ILE A 552 -29.28 7.77 -1.69
C ILE A 552 -29.01 6.88 -0.47
N TRP A 553 -28.86 7.51 0.69
CA TRP A 553 -28.83 6.83 2.01
C TRP A 553 -30.07 7.23 2.80
N ALA A 554 -30.91 6.25 3.18
CA ALA A 554 -32.23 6.44 3.81
C ALA A 554 -32.07 6.97 5.24
N GLY A 555 -31.12 6.41 6.00
CA GLY A 555 -30.74 6.86 7.35
C GLY A 555 -30.73 5.71 8.35
N GLN A 556 -30.73 6.06 9.65
CA GLN A 556 -30.71 5.10 10.79
C GLN A 556 -32.08 4.46 10.93
N GLN A 557 -32.15 3.13 10.96
CA GLN A 557 -33.41 2.36 10.84
C GLN A 557 -34.24 2.49 12.13
N GLN A 558 -33.59 2.49 13.30
CA GLN A 558 -34.28 2.60 14.62
C GLN A 558 -33.26 2.99 15.70
#